data_3LWG
#
_entry.id   3LWG
#
_cell.length_a   53.302
_cell.length_b   67.129
_cell.length_c   70.216
_cell.angle_alpha   90.00
_cell.angle_beta   90.00
_cell.angle_gamma   90.00
#
_symmetry.space_group_name_H-M   'P 21 21 21'
#
loop_
_entity.id
_entity.type
_entity.pdbx_description
1 polymer 'HP0420 homologue'
2 water water
#
_entity_poly.entity_id   1
_entity_poly.type   'polypeptide(L)'
_entity_poly.pdbx_seq_one_letter_code
;GAMEMNMADAPLEEGLLVCTRLDQNLCAELISFGSGKATVCLTPKEFMLAEDDVVHAGFIVGAASFAALCALNKKNSLIS
SMKVNLLAPIEIKQEIYFNATITHTSSKKSTIRVEGEFMEIKVFEGDFEILVFEKRPFKFNFKED
;
_entity_poly.pdbx_strand_id   A,B
#
# COMPACT_ATOMS: atom_id res chain seq x y z
N GLU A 14 -5.54 -6.51 -24.46
CA GLU A 14 -6.77 -6.79 -25.21
C GLU A 14 -7.61 -7.93 -24.63
N GLY A 15 -8.92 -7.67 -24.52
CA GLY A 15 -9.82 -8.51 -23.75
C GLY A 15 -10.00 -7.98 -22.32
N LEU A 16 -9.07 -7.14 -21.90
CA LEU A 16 -9.03 -6.60 -20.54
C LEU A 16 -9.95 -5.37 -20.36
N LEU A 17 -10.90 -5.45 -19.43
CA LEU A 17 -11.87 -4.38 -19.24
C LEU A 17 -11.47 -3.38 -18.16
N VAL A 18 -10.33 -3.63 -17.54
CA VAL A 18 -9.97 -2.96 -16.31
C VAL A 18 -8.60 -2.29 -16.34
N CYS A 19 -8.39 -1.45 -15.34
CA CYS A 19 -7.14 -0.72 -15.21
C CYS A 19 -6.71 0.00 -16.47
N THR A 20 -7.64 0.67 -17.14
CA THR A 20 -7.32 1.26 -18.43
C THR A 20 -6.35 2.44 -18.29
N ARG A 21 -6.20 3.00 -17.08
CA ARG A 21 -5.29 4.16 -16.92
C ARG A 21 -4.03 3.78 -16.15
N LEU A 22 -3.95 2.53 -15.72
CA LEU A 22 -2.86 2.11 -14.86
C LEU A 22 -1.50 2.10 -15.59
N ASP A 23 -0.56 2.84 -15.06
CA ASP A 23 0.78 2.77 -15.63
C ASP A 23 1.55 1.53 -15.13
N GLN A 24 1.68 0.54 -16.00
CA GLN A 24 2.39 -0.69 -15.62
C GLN A 24 3.84 -0.47 -15.20
N ASN A 25 4.51 0.52 -15.79
CA ASN A 25 5.90 0.77 -15.39
C ASN A 25 6.02 1.12 -13.90
N LEU A 26 4.96 1.67 -13.33
CA LEU A 26 4.94 2.05 -11.92
C LEU A 26 4.28 0.98 -11.04
N CYS A 27 3.79 -0.09 -11.66
CA CYS A 27 3.03 -1.08 -10.89
C CYS A 27 3.62 -2.54 -10.95
N ALA A 28 3.44 -3.22 -12.10
CA ALA A 28 3.82 -4.62 -12.36
C ALA A 28 3.49 -4.93 -13.81
N GLU A 29 4.14 -5.94 -14.38
CA GLU A 29 3.80 -6.39 -15.74
C GLU A 29 2.68 -7.42 -15.71
N LEU A 30 1.69 -7.23 -16.55
CA LEU A 30 0.62 -8.22 -16.65
C LEU A 30 1.14 -9.41 -17.42
N ILE A 31 1.03 -10.61 -16.84
CA ILE A 31 1.55 -11.81 -17.49
C ILE A 31 0.41 -12.58 -18.18
N SER A 32 -0.71 -12.71 -17.48
CA SER A 32 -1.86 -13.49 -17.97
C SER A 32 -3.13 -13.12 -17.24
N PHE A 33 -4.26 -13.41 -17.86
CA PHE A 33 -5.55 -13.24 -17.21
C PHE A 33 -6.61 -14.03 -17.98
N GLY A 34 -7.73 -14.31 -17.33
CA GLY A 34 -8.80 -15.05 -17.95
C GLY A 34 -9.30 -16.11 -16.98
N SER A 35 -10.55 -16.54 -17.16
CA SER A 35 -11.08 -17.61 -16.34
C SER A 35 -10.97 -17.30 -14.85
N GLY A 36 -11.19 -16.04 -14.44
CA GLY A 36 -11.31 -15.72 -13.00
C GLY A 36 -9.93 -15.82 -12.32
N LYS A 37 -8.87 -15.66 -13.13
CA LYS A 37 -7.49 -15.71 -12.61
C LYS A 37 -6.63 -14.68 -13.34
N ALA A 38 -5.50 -14.33 -12.73
CA ALA A 38 -4.53 -13.43 -13.39
C ALA A 38 -3.19 -13.52 -12.68
N THR A 39 -2.13 -13.27 -13.42
CA THR A 39 -0.79 -13.21 -12.86
C THR A 39 -0.15 -11.90 -13.32
N VAL A 40 0.48 -11.21 -12.39
CA VAL A 40 1.34 -10.06 -12.76
C VAL A 40 2.67 -10.29 -12.12
N CYS A 41 3.70 -9.63 -12.62
CA CYS A 41 5.03 -9.85 -12.06
C CYS A 41 5.63 -8.48 -11.76
N LEU A 42 6.00 -8.28 -10.50
CA LEU A 42 6.58 -7.02 -9.99
C LEU A 42 8.08 -7.23 -10.03
N THR A 43 8.79 -6.37 -10.76
CA THR A 43 10.24 -6.26 -10.67
C THR A 43 10.52 -4.93 -9.94
N PRO A 44 10.83 -5.00 -8.65
CA PRO A 44 10.86 -3.73 -7.93
C PRO A 44 11.96 -2.82 -8.45
N LYS A 45 11.65 -1.54 -8.49
CA LYS A 45 12.58 -0.53 -8.94
C LYS A 45 12.93 0.37 -7.76
N GLU A 46 14.00 1.13 -7.87
CA GLU A 46 14.45 1.92 -6.74
C GLU A 46 13.43 2.94 -6.28
N PHE A 47 12.65 3.49 -7.21
CA PHE A 47 11.65 4.48 -6.79
C PHE A 47 10.58 3.87 -5.87
N MET A 48 10.50 2.54 -5.85
CA MET A 48 9.50 1.86 -5.02
C MET A 48 9.98 1.60 -3.60
N LEU A 49 11.23 1.98 -3.28
CA LEU A 49 11.76 1.65 -1.97
C LEU A 49 11.22 2.53 -0.84
N ALA A 50 10.89 1.90 0.29
CA ALA A 50 10.61 2.64 1.51
C ALA A 50 11.92 2.83 2.29
N GLU A 51 12.74 1.78 2.31
CA GLU A 51 14.08 1.82 2.94
C GLU A 51 15.07 1.17 1.96
N ASP A 52 16.36 1.22 2.25
CA ASP A 52 17.32 0.63 1.29
C ASP A 52 16.92 -0.80 0.98
N ASP A 53 16.35 -1.48 1.97
CA ASP A 53 16.19 -2.93 1.96
C ASP A 53 14.73 -3.41 2.02
N VAL A 54 13.80 -2.54 1.69
CA VAL A 54 12.39 -2.95 1.68
C VAL A 54 11.56 -2.06 0.74
N VAL A 55 10.81 -2.71 -0.12
CA VAL A 55 9.94 -2.04 -1.05
C VAL A 55 8.71 -1.55 -0.25
N HIS A 56 8.24 -0.36 -0.58
CA HIS A 56 7.10 0.26 0.12
C HIS A 56 5.83 -0.59 -0.04
N ALA A 57 5.06 -0.69 1.03
CA ALA A 57 3.85 -1.54 1.04
C ALA A 57 2.85 -1.10 -0.03
N GLY A 58 2.88 0.16 -0.41
CA GLY A 58 1.98 0.63 -1.47
C GLY A 58 2.21 -0.11 -2.79
N PHE A 59 3.46 -0.39 -3.12
CA PHE A 59 3.76 -1.02 -4.39
C PHE A 59 3.53 -2.53 -4.32
N ILE A 60 3.72 -3.09 -3.15
CA ILE A 60 3.45 -4.51 -3.02
C ILE A 60 1.92 -4.75 -3.12
N VAL A 61 1.16 -4.02 -2.32
CA VAL A 61 -0.31 -4.11 -2.39
C VAL A 61 -0.86 -3.63 -3.74
N GLY A 62 -0.18 -2.66 -4.33
CA GLY A 62 -0.63 -2.12 -5.61
C GLY A 62 -0.47 -3.22 -6.69
N ALA A 63 0.62 -3.99 -6.65
CA ALA A 63 0.78 -5.06 -7.64
C ALA A 63 -0.30 -6.13 -7.46
N ALA A 64 -0.54 -6.46 -6.20
CA ALA A 64 -1.54 -7.48 -5.85
C ALA A 64 -2.91 -6.98 -6.29
N SER A 65 -3.17 -5.70 -6.11
CA SER A 65 -4.50 -5.18 -6.44
C SER A 65 -4.75 -5.24 -7.95
N PHE A 66 -3.70 -4.95 -8.73
CA PHE A 66 -3.74 -5.03 -10.21
C PHE A 66 -4.08 -6.48 -10.62
N ALA A 67 -3.36 -7.45 -10.05
CA ALA A 67 -3.66 -8.87 -10.32
C ALA A 67 -5.12 -9.18 -10.00
N ALA A 68 -5.61 -8.66 -8.85
CA ALA A 68 -6.94 -9.04 -8.40
C ALA A 68 -8.01 -8.48 -9.32
N LEU A 69 -7.84 -7.21 -9.72
CA LEU A 69 -8.79 -6.61 -10.63
C LEU A 69 -8.77 -7.32 -11.97
N CYS A 70 -7.61 -7.79 -12.41
CA CYS A 70 -7.54 -8.45 -13.72
C CYS A 70 -8.17 -9.85 -13.67
N ALA A 71 -8.07 -10.52 -12.51
CA ALA A 71 -8.71 -11.84 -12.34
C ALA A 71 -10.21 -11.74 -12.49
N LEU A 72 -10.80 -10.71 -11.90
CA LEU A 72 -12.23 -10.52 -12.01
C LEU A 72 -12.61 -10.00 -13.39
N ASN A 73 -11.84 -9.01 -13.86
CA ASN A 73 -11.96 -8.43 -15.23
C ASN A 73 -13.33 -7.84 -15.57
N LYS A 74 -13.80 -6.95 -14.73
CA LYS A 74 -15.13 -6.36 -14.91
C LYS A 74 -15.04 -4.84 -14.98
N LYS A 75 -15.77 -4.30 -15.95
CA LYS A 75 -15.92 -2.85 -16.08
C LYS A 75 -16.57 -2.27 -14.83
N ASN A 76 -16.17 -1.05 -14.43
CA ASN A 76 -16.80 -0.34 -13.32
C ASN A 76 -16.58 -1.11 -12.05
N SER A 77 -15.40 -1.69 -11.89
CA SER A 77 -15.08 -2.33 -10.63
C SER A 77 -14.13 -1.47 -9.80
N LEU A 78 -14.13 -1.72 -8.48
CA LEU A 78 -13.30 -0.99 -7.49
C LEU A 78 -12.95 -1.96 -6.38
N ILE A 79 -11.70 -1.90 -5.90
CA ILE A 79 -11.37 -2.59 -4.67
C ILE A 79 -11.96 -1.82 -3.50
N SER A 80 -12.78 -2.50 -2.71
CA SER A 80 -13.45 -1.89 -1.56
C SER A 80 -12.84 -2.27 -0.20
N SER A 81 -12.11 -3.39 -0.15
CA SER A 81 -11.47 -3.79 1.11
C SER A 81 -10.39 -4.82 0.88
N MET A 82 -9.47 -4.91 1.83
CA MET A 82 -8.50 -5.99 1.74
C MET A 82 -8.02 -6.41 3.11
N LYS A 83 -7.64 -7.67 3.22
CA LYS A 83 -6.92 -8.17 4.37
C LYS A 83 -5.64 -8.84 3.84
N VAL A 84 -4.48 -8.30 4.22
CA VAL A 84 -3.18 -8.71 3.63
C VAL A 84 -2.15 -9.01 4.69
N ASN A 85 -1.36 -10.05 4.46
CA ASN A 85 -0.15 -10.32 5.22
C ASN A 85 1.07 -10.14 4.31
N LEU A 86 2.02 -9.30 4.76
CA LEU A 86 3.27 -9.16 4.05
C LEU A 86 4.21 -10.11 4.76
N LEU A 87 4.59 -11.19 4.10
CA LEU A 87 5.23 -12.32 4.81
C LEU A 87 6.74 -12.22 4.89
N ALA A 88 7.34 -11.42 4.03
CA ALA A 88 8.77 -11.11 4.09
C ALA A 88 9.00 -9.75 3.45
N PRO A 89 10.08 -9.04 3.84
CA PRO A 89 10.51 -7.84 3.13
C PRO A 89 10.79 -8.20 1.68
N ILE A 90 10.39 -7.34 0.78
CA ILE A 90 10.69 -7.54 -0.64
C ILE A 90 11.76 -6.53 -1.00
N GLU A 91 12.77 -7.00 -1.72
CA GLU A 91 13.89 -6.16 -2.05
C GLU A 91 13.98 -5.81 -3.52
N ILE A 92 14.77 -4.78 -3.77
CA ILE A 92 14.99 -4.36 -5.11
C ILE A 92 15.42 -5.52 -5.98
N LYS A 93 14.80 -5.52 -7.15
CA LYS A 93 14.81 -6.56 -8.16
C LYS A 93 14.82 -8.09 -7.81
N GLN A 94 14.09 -8.42 -6.76
CA GLN A 94 13.52 -9.77 -6.59
C GLN A 94 12.24 -9.77 -7.44
N GLU A 95 12.08 -10.69 -8.39
CA GLU A 95 10.86 -10.68 -9.17
C GLU A 95 9.82 -11.40 -8.38
N ILE A 96 8.71 -10.71 -8.08
CA ILE A 96 7.59 -11.31 -7.34
C ILE A 96 6.41 -11.59 -8.28
N TYR A 97 5.97 -12.85 -8.36
CA TYR A 97 4.78 -13.19 -9.13
C TYR A 97 3.57 -13.16 -8.23
N PHE A 98 2.53 -12.42 -8.62
CA PHE A 98 1.27 -12.38 -7.88
C PHE A 98 0.21 -13.10 -8.69
N ASN A 99 -0.36 -14.14 -8.08
CA ASN A 99 -1.34 -15.00 -8.75
C ASN A 99 -2.68 -14.79 -8.07
N ALA A 100 -3.64 -14.29 -8.82
CA ALA A 100 -4.95 -13.93 -8.27
C ALA A 100 -5.99 -14.93 -8.70
N THR A 101 -6.94 -15.28 -7.81
CA THR A 101 -8.03 -16.24 -8.17
C THR A 101 -9.34 -15.80 -7.49
N ILE A 102 -10.44 -15.71 -8.26
CA ILE A 102 -11.76 -15.47 -7.64
C ILE A 102 -12.05 -16.64 -6.67
N THR A 103 -12.33 -16.34 -5.39
CA THR A 103 -12.75 -17.38 -4.45
C THR A 103 -14.26 -17.31 -4.18
N HIS A 104 -14.83 -16.12 -4.35
CA HIS A 104 -16.27 -15.91 -4.21
C HIS A 104 -16.80 -14.77 -5.12
N THR A 105 -17.98 -14.96 -5.73
CA THR A 105 -18.61 -13.86 -6.48
C THR A 105 -20.10 -14.02 -6.56
N SER A 106 -20.79 -12.88 -6.43
CA SER A 106 -22.23 -12.74 -6.65
C SER A 106 -22.42 -11.67 -7.72
N SER A 107 -21.35 -11.44 -8.48
CA SER A 107 -21.29 -10.43 -9.54
C SER A 107 -21.11 -9.05 -8.96
N LYS A 108 -22.05 -8.64 -8.09
CA LYS A 108 -21.96 -7.34 -7.44
C LYS A 108 -20.77 -7.28 -6.48
N LYS A 109 -20.59 -8.33 -5.70
CA LYS A 109 -19.48 -8.32 -4.76
C LYS A 109 -18.64 -9.57 -4.96
N SER A 110 -17.31 -9.44 -4.88
CA SER A 110 -16.45 -10.58 -5.14
C SER A 110 -15.28 -10.60 -4.19
N THR A 111 -14.82 -11.79 -3.89
CA THR A 111 -13.56 -11.98 -3.15
C THR A 111 -12.52 -12.63 -4.05
N ILE A 112 -11.32 -12.05 -4.09
CA ILE A 112 -10.19 -12.63 -4.86
C ILE A 112 -9.05 -12.89 -3.91
N ARG A 113 -8.50 -14.10 -3.93
CA ARG A 113 -7.30 -14.40 -3.18
C ARG A 113 -6.07 -14.15 -4.04
N VAL A 114 -5.07 -13.47 -3.45
CA VAL A 114 -3.87 -13.22 -4.23
C VAL A 114 -2.69 -13.70 -3.42
N GLU A 115 -1.81 -14.46 -4.05
CA GLU A 115 -0.57 -14.88 -3.41
C GLU A 115 0.59 -14.39 -4.23
N GLY A 116 1.59 -13.87 -3.53
CA GLY A 116 2.82 -13.43 -4.17
C GLY A 116 3.99 -14.31 -3.79
N GLU A 117 4.78 -14.69 -4.79
CA GLU A 117 5.88 -15.62 -4.59
C GLU A 117 7.16 -15.09 -5.17
N PHE A 118 8.27 -15.42 -4.51
CA PHE A 118 9.62 -15.10 -4.93
C PHE A 118 10.31 -16.47 -5.00
N MET A 119 10.66 -16.92 -6.19
CA MET A 119 11.25 -18.24 -6.41
C MET A 119 10.35 -19.33 -5.86
N GLU A 120 9.06 -19.18 -6.04
CA GLU A 120 8.11 -20.17 -5.59
C GLU A 120 7.87 -20.16 -4.09
N ILE A 121 8.54 -19.29 -3.34
CA ILE A 121 8.25 -19.19 -1.91
C ILE A 121 7.30 -18.02 -1.61
N LYS A 122 6.29 -18.24 -0.77
CA LYS A 122 5.22 -17.27 -0.57
C LYS A 122 5.76 -16.11 0.25
N VAL A 123 5.69 -14.89 -0.32
CA VAL A 123 6.05 -13.71 0.40
C VAL A 123 4.89 -12.72 0.65
N PHE A 124 3.71 -13.04 0.15
CA PHE A 124 2.57 -12.13 0.23
C PHE A 124 1.33 -13.00 0.17
N GLU A 125 0.33 -12.70 0.99
CA GLU A 125 -1.03 -13.28 0.81
C GLU A 125 -2.10 -12.25 1.21
N GLY A 126 -3.16 -12.19 0.45
CA GLY A 126 -4.26 -11.32 0.81
C GLY A 126 -5.58 -11.73 0.16
N ASP A 127 -6.67 -11.33 0.80
CA ASP A 127 -7.98 -11.33 0.17
C ASP A 127 -8.40 -9.92 -0.16
N PHE A 128 -8.94 -9.77 -1.37
CA PHE A 128 -9.38 -8.48 -1.90
C PHE A 128 -10.86 -8.59 -2.18
N GLU A 129 -11.61 -7.61 -1.67
CA GLU A 129 -13.03 -7.50 -1.96
C GLU A 129 -13.20 -6.49 -3.08
N ILE A 130 -13.97 -6.90 -4.10
CA ILE A 130 -14.13 -6.01 -5.26
C ILE A 130 -15.63 -5.82 -5.49
N LEU A 131 -16.04 -4.56 -5.63
CA LEU A 131 -17.43 -4.20 -5.93
C LEU A 131 -17.52 -3.84 -7.41
N VAL A 132 -18.63 -4.23 -8.04
CA VAL A 132 -18.90 -3.92 -9.43
C VAL A 132 -20.27 -3.24 -9.58
N PHE A 133 -20.31 -2.17 -10.35
CA PHE A 133 -21.55 -1.39 -10.59
C PHE A 133 -22.04 -1.46 -12.02
N ALA B 2 18.19 17.46 19.19
CA ALA B 2 19.12 18.13 18.27
C ALA B 2 18.74 19.58 17.98
N MET B 3 19.77 20.44 17.89
CA MET B 3 19.55 21.88 17.70
C MET B 3 18.76 22.17 16.41
N GLU B 4 19.07 21.35 15.41
CA GLU B 4 18.58 21.50 14.07
C GLU B 4 17.17 20.97 13.99
N MET B 5 16.61 20.62 15.15
CA MET B 5 15.19 20.33 15.29
C MET B 5 14.47 21.43 16.08
N ASN B 6 15.22 22.23 16.83
CA ASN B 6 14.65 23.36 17.58
C ASN B 6 14.72 24.69 16.85
N MET B 7 15.35 24.71 15.67
CA MET B 7 15.32 25.90 14.85
C MET B 7 13.94 25.91 14.27
N ALA B 8 13.23 27.04 14.37
CA ALA B 8 11.86 27.07 13.89
C ALA B 8 11.78 26.70 12.40
N ASP B 9 12.92 26.71 11.72
CA ASP B 9 12.96 26.34 10.31
C ASP B 9 13.40 24.90 10.04
N ALA B 10 13.56 24.09 11.09
CA ALA B 10 14.05 22.72 10.92
C ALA B 10 13.13 21.97 9.97
N PRO B 11 13.72 21.13 9.11
CA PRO B 11 12.91 20.40 8.14
C PRO B 11 12.02 19.45 8.91
N LEU B 12 10.79 19.27 8.47
CA LEU B 12 9.86 18.36 9.14
C LEU B 12 10.46 16.94 9.28
N GLU B 13 11.10 16.44 8.23
CA GLU B 13 11.62 15.07 8.17
C GLU B 13 12.81 14.79 9.12
N GLU B 14 13.36 15.85 9.70
CA GLU B 14 14.49 15.76 10.63
C GLU B 14 14.48 14.52 11.56
N GLY B 15 13.47 14.41 12.42
CA GLY B 15 13.46 13.31 13.39
C GLY B 15 12.81 12.00 12.93
N LEU B 16 12.57 11.88 11.62
CA LEU B 16 11.92 10.67 11.11
C LEU B 16 12.96 9.56 10.99
N LEU B 17 12.67 8.39 11.54
CA LEU B 17 13.62 7.31 11.62
C LEU B 17 13.23 6.24 10.61
N VAL B 18 12.09 6.46 9.93
CA VAL B 18 11.54 5.46 9.03
C VAL B 18 11.31 6.09 7.65
N CYS B 19 11.04 5.22 6.69
CA CYS B 19 10.78 5.61 5.29
C CYS B 19 11.87 6.50 4.72
N THR B 20 13.10 6.13 5.01
CA THR B 20 14.29 6.87 4.65
C THR B 20 14.49 7.01 3.13
N ARG B 21 13.99 6.07 2.32
CA ARG B 21 14.14 6.17 0.86
C ARG B 21 12.84 6.52 0.15
N LEU B 22 11.77 6.78 0.92
CA LEU B 22 10.44 6.96 0.31
C LEU B 22 10.32 8.33 -0.39
N ASP B 23 10.07 8.31 -1.69
CA ASP B 23 9.85 9.57 -2.43
C ASP B 23 8.40 10.03 -2.12
N GLN B 24 8.25 11.12 -1.36
CA GLN B 24 6.88 11.58 -1.01
C GLN B 24 6.02 11.95 -2.24
N ASN B 25 6.66 12.34 -3.34
CA ASN B 25 5.90 12.64 -4.55
C ASN B 25 5.17 11.44 -5.13
N LEU B 26 5.63 10.23 -4.82
CA LEU B 26 4.92 8.99 -5.29
C LEU B 26 3.98 8.44 -4.21
N CYS B 27 3.86 9.16 -3.09
CA CYS B 27 3.12 8.64 -1.94
C CYS B 27 2.11 9.64 -1.30
N ALA B 28 2.62 10.51 -0.47
CA ALA B 28 1.84 11.58 0.16
C ALA B 28 2.85 12.56 0.78
N GLU B 29 2.38 13.75 1.06
CA GLU B 29 3.22 14.77 1.68
C GLU B 29 3.08 14.61 3.19
N LEU B 30 4.21 14.50 3.86
CA LEU B 30 4.16 14.39 5.34
C LEU B 30 3.76 15.74 5.95
N ILE B 31 2.75 15.76 6.79
CA ILE B 31 2.25 17.01 7.41
C ILE B 31 2.72 17.11 8.87
N SER B 32 2.58 16.03 9.62
CA SER B 32 2.99 16.07 11.03
C SER B 32 3.26 14.66 11.54
N PHE B 33 4.10 14.55 12.58
CA PHE B 33 4.24 13.30 13.30
C PHE B 33 4.79 13.55 14.69
N GLY B 34 4.51 12.62 15.58
CA GLY B 34 5.00 12.64 16.95
C GLY B 34 3.89 12.23 17.90
N SER B 35 4.29 11.80 19.10
CA SER B 35 3.37 11.46 20.16
C SER B 35 2.41 10.39 19.70
N GLY B 36 2.88 9.45 18.90
CA GLY B 36 2.07 8.31 18.57
C GLY B 36 1.06 8.58 17.45
N LYS B 37 1.25 9.66 16.69
CA LYS B 37 0.35 10.03 15.58
C LYS B 37 1.13 10.52 14.38
N ALA B 38 0.50 10.47 13.21
CA ALA B 38 1.09 11.18 12.06
C ALA B 38 -0.02 11.48 11.08
N THR B 39 0.16 12.56 10.32
CA THR B 39 -0.75 12.93 9.27
C THR B 39 0.06 13.10 7.98
N VAL B 40 -0.47 12.55 6.88
CA VAL B 40 0.11 12.77 5.56
C VAL B 40 -1.06 13.18 4.66
N CYS B 41 -0.76 13.86 3.57
CA CYS B 41 -1.82 14.37 2.68
C CYS B 41 -1.53 13.92 1.27
N LEU B 42 -2.46 13.18 0.67
CA LEU B 42 -2.28 12.71 -0.71
C LEU B 42 -3.17 13.57 -1.61
N THR B 43 -2.60 14.20 -2.61
CA THR B 43 -3.43 14.83 -3.66
C THR B 43 -3.13 14.01 -4.90
N PRO B 44 -4.04 13.10 -5.29
CA PRO B 44 -3.67 12.14 -6.32
C PRO B 44 -3.33 12.82 -7.64
N LYS B 45 -2.32 12.25 -8.30
CA LYS B 45 -1.86 12.72 -9.59
C LYS B 45 -2.30 11.77 -10.70
N GLU B 46 -2.19 12.23 -11.95
CA GLU B 46 -2.59 11.38 -13.09
C GLU B 46 -1.92 10.01 -13.08
N PHE B 47 -0.64 9.97 -12.70
CA PHE B 47 0.08 8.69 -12.74
C PHE B 47 -0.42 7.69 -11.70
N MET B 48 -1.28 8.15 -10.80
CA MET B 48 -1.78 7.29 -9.70
C MET B 48 -3.11 6.64 -10.08
N LEU B 49 -3.62 6.95 -11.26
CA LEU B 49 -4.94 6.42 -11.64
C LEU B 49 -4.93 4.94 -12.10
N ALA B 50 -5.93 4.19 -11.65
CA ALA B 50 -6.23 2.85 -12.22
C ALA B 50 -7.20 2.97 -13.40
N GLU B 51 -8.23 3.79 -13.20
CA GLU B 51 -9.28 4.10 -14.22
C GLU B 51 -9.38 5.63 -14.33
N ASP B 52 -10.19 6.13 -15.26
CA ASP B 52 -10.23 7.60 -15.41
C ASP B 52 -10.59 8.27 -14.09
N ASP B 53 -11.59 7.72 -13.39
CA ASP B 53 -12.10 8.29 -12.16
C ASP B 53 -11.81 7.48 -10.92
N VAL B 54 -10.74 6.67 -10.95
CA VAL B 54 -10.46 5.81 -9.81
C VAL B 54 -8.96 5.75 -9.55
N VAL B 55 -8.53 6.28 -8.39
CA VAL B 55 -7.12 6.18 -7.98
C VAL B 55 -6.82 4.75 -7.57
N HIS B 56 -5.65 4.26 -8.00
CA HIS B 56 -5.30 2.88 -7.81
C HIS B 56 -5.13 2.60 -6.32
N ALA B 57 -5.62 1.44 -5.88
CA ALA B 57 -5.56 1.12 -4.44
C ALA B 57 -4.16 1.14 -3.89
N GLY B 58 -3.16 0.90 -4.73
CA GLY B 58 -1.79 0.89 -4.22
C GLY B 58 -1.42 2.27 -3.66
N PHE B 59 -1.86 3.35 -4.32
CA PHE B 59 -1.55 4.71 -3.80
C PHE B 59 -2.38 5.09 -2.56
N ILE B 60 -3.63 4.62 -2.48
CA ILE B 60 -4.45 4.90 -1.28
C ILE B 60 -3.85 4.17 -0.07
N VAL B 61 -3.68 2.86 -0.22
CA VAL B 61 -3.04 2.09 0.84
C VAL B 61 -1.59 2.52 1.12
N GLY B 62 -0.85 2.86 0.08
CA GLY B 62 0.52 3.35 0.24
C GLY B 62 0.62 4.59 1.11
N ALA B 63 -0.28 5.55 0.88
CA ALA B 63 -0.33 6.78 1.69
C ALA B 63 -0.64 6.45 3.14
N ALA B 64 -1.63 5.57 3.36
CA ALA B 64 -1.99 5.17 4.72
C ALA B 64 -0.79 4.44 5.38
N SER B 65 -0.09 3.63 4.61
CA SER B 65 1.06 2.86 5.14
C SER B 65 2.14 3.80 5.64
N PHE B 66 2.40 4.82 4.83
CA PHE B 66 3.41 5.85 5.22
C PHE B 66 2.97 6.54 6.54
N ALA B 67 1.72 7.03 6.63
CA ALA B 67 1.27 7.63 7.90
C ALA B 67 1.48 6.63 9.07
N ALA B 68 1.14 5.35 8.85
CA ALA B 68 1.16 4.39 9.97
C ALA B 68 2.61 4.25 10.46
N LEU B 69 3.53 4.07 9.53
CA LEU B 69 4.94 4.00 9.90
C LEU B 69 5.47 5.24 10.65
N CYS B 70 5.05 6.41 10.20
CA CYS B 70 5.48 7.68 10.84
C CYS B 70 4.90 7.86 12.24
N ALA B 71 3.68 7.35 12.47
CA ALA B 71 3.04 7.42 13.80
C ALA B 71 3.82 6.66 14.88
N LEU B 72 4.34 5.47 14.54
CA LEU B 72 5.19 4.74 15.45
C LEU B 72 6.63 5.27 15.45
N ASN B 73 7.12 5.62 14.26
CA ASN B 73 8.46 6.17 14.04
C ASN B 73 9.56 5.37 14.81
N LYS B 74 9.56 4.05 14.66
CA LYS B 74 10.60 3.21 15.26
C LYS B 74 11.64 2.74 14.22
N LYS B 75 12.93 2.94 14.49
CA LYS B 75 13.94 2.41 13.61
C LYS B 75 13.76 0.91 13.43
N ASN B 76 14.08 0.44 12.24
CA ASN B 76 14.02 -0.97 11.95
C ASN B 76 12.61 -1.55 12.01
N SER B 77 11.62 -0.78 11.58
CA SER B 77 10.25 -1.27 11.64
C SER B 77 9.75 -1.53 10.22
N LEU B 78 8.83 -2.49 10.07
CA LEU B 78 8.10 -2.56 8.81
C LEU B 78 6.69 -3.03 8.99
N ILE B 79 5.89 -2.73 7.97
CA ILE B 79 4.52 -3.14 8.01
C ILE B 79 4.45 -4.64 7.79
N SER B 80 3.74 -5.34 8.67
CA SER B 80 3.61 -6.78 8.52
C SER B 80 2.24 -7.24 8.04
N SER B 81 1.19 -6.48 8.31
CA SER B 81 -0.18 -6.93 8.01
C SER B 81 -1.09 -5.74 7.96
N MET B 82 -2.22 -5.83 7.27
CA MET B 82 -3.19 -4.75 7.33
C MET B 82 -4.61 -5.27 7.03
N LYS B 83 -5.60 -4.57 7.57
CA LYS B 83 -6.99 -4.82 7.24
C LYS B 83 -7.56 -3.45 6.96
N VAL B 84 -8.01 -3.25 5.73
CA VAL B 84 -8.36 -1.92 5.31
C VAL B 84 -9.67 -1.88 4.55
N ASN B 85 -10.39 -0.77 4.69
CA ASN B 85 -11.65 -0.53 3.95
C ASN B 85 -11.47 0.72 3.10
N LEU B 86 -11.66 0.59 1.79
CA LEU B 86 -11.55 1.74 0.85
C LEU B 86 -13.00 2.18 0.64
N LEU B 87 -13.44 3.16 1.45
CA LEU B 87 -14.89 3.45 1.60
C LEU B 87 -15.49 4.13 0.38
N ALA B 88 -14.68 4.86 -0.36
CA ALA B 88 -15.11 5.57 -1.53
C ALA B 88 -14.01 5.62 -2.59
N PRO B 89 -14.39 5.67 -3.88
CA PRO B 89 -13.40 5.89 -4.96
C PRO B 89 -12.84 7.31 -4.91
N ILE B 90 -11.55 7.50 -5.14
CA ILE B 90 -10.94 8.80 -5.07
C ILE B 90 -10.55 9.18 -6.46
N GLU B 91 -10.72 10.47 -6.75
CA GLU B 91 -10.33 11.02 -8.03
C GLU B 91 -9.13 11.92 -7.95
N ILE B 92 -8.51 12.21 -9.10
CA ILE B 92 -7.44 13.20 -9.09
C ILE B 92 -7.91 14.51 -8.50
N LYS B 93 -6.96 15.21 -7.89
CA LYS B 93 -7.19 16.55 -7.35
C LYS B 93 -7.79 16.53 -5.95
N GLN B 94 -8.41 15.43 -5.54
CA GLN B 94 -9.03 15.41 -4.21
C GLN B 94 -7.97 15.28 -3.15
N GLU B 95 -7.97 16.19 -2.18
CA GLU B 95 -6.99 16.10 -1.06
C GLU B 95 -7.45 15.16 0.02
N ILE B 96 -6.64 14.14 0.31
CA ILE B 96 -7.05 13.16 1.30
C ILE B 96 -6.05 13.23 2.45
N TYR B 97 -6.56 13.47 3.65
CA TYR B 97 -5.66 13.49 4.80
C TYR B 97 -5.74 12.15 5.46
N PHE B 98 -4.58 11.51 5.66
CA PHE B 98 -4.56 10.24 6.39
C PHE B 98 -3.97 10.49 7.79
N ASN B 99 -4.77 10.19 8.80
CA ASN B 99 -4.40 10.43 10.20
C ASN B 99 -4.21 9.05 10.85
N ALA B 100 -2.97 8.79 11.30
CA ALA B 100 -2.57 7.55 11.94
C ALA B 100 -2.42 7.77 13.43
N THR B 101 -2.89 6.81 14.22
CA THR B 101 -2.77 6.86 15.66
C THR B 101 -2.42 5.44 16.11
N ILE B 102 -1.36 5.31 16.92
CA ILE B 102 -1.09 4.01 17.52
C ILE B 102 -2.24 3.58 18.44
N THR B 103 -2.70 2.33 18.34
CA THR B 103 -3.80 1.86 19.19
C THR B 103 -3.34 0.76 20.16
N HIS B 104 -2.25 0.09 19.83
CA HIS B 104 -1.65 -0.92 20.71
C HIS B 104 -0.17 -0.97 20.49
N THR B 105 0.61 -1.22 21.54
CA THR B 105 2.04 -1.22 21.30
C THR B 105 2.75 -2.10 22.30
N SER B 106 3.82 -2.71 21.83
CA SER B 106 4.70 -3.47 22.71
C SER B 106 6.10 -3.31 22.11
N SER B 107 7.09 -3.92 22.75
CA SER B 107 8.45 -3.70 22.30
C SER B 107 8.69 -4.33 20.91
N LYS B 108 7.80 -5.25 20.59
CA LYS B 108 7.95 -6.19 19.49
C LYS B 108 7.08 -5.77 18.28
N LYS B 109 5.86 -5.38 18.60
CA LYS B 109 4.75 -5.24 17.65
C LYS B 109 3.79 -4.14 18.07
N SER B 110 3.24 -3.44 17.07
CA SER B 110 2.30 -2.35 17.30
C SER B 110 1.16 -2.41 16.27
N THR B 111 -0.02 -1.93 16.68
CA THR B 111 -1.18 -1.79 15.77
C THR B 111 -1.43 -0.32 15.65
N ILE B 112 -1.62 0.15 14.40
CA ILE B 112 -1.78 1.60 14.16
C ILE B 112 -3.09 1.74 13.39
N ARG B 113 -4.03 2.55 13.85
CA ARG B 113 -5.25 2.78 13.10
C ARG B 113 -5.11 4.03 12.22
N VAL B 114 -5.58 3.95 10.97
CA VAL B 114 -5.43 5.10 10.06
C VAL B 114 -6.80 5.40 9.48
N GLU B 115 -7.21 6.67 9.55
CA GLU B 115 -8.42 7.17 8.85
C GLU B 115 -8.04 8.17 7.81
N GLY B 116 -8.66 8.03 6.63
CA GLY B 116 -8.40 8.96 5.55
C GLY B 116 -9.68 9.77 5.39
N GLU B 117 -9.52 11.09 5.39
CA GLU B 117 -10.64 12.02 5.29
C GLU B 117 -10.51 12.94 4.06
N PHE B 118 -11.63 13.12 3.38
CA PHE B 118 -11.81 14.09 2.34
C PHE B 118 -12.77 15.17 2.81
N MET B 119 -12.29 16.40 2.98
CA MET B 119 -13.13 17.51 3.46
C MET B 119 -13.86 17.11 4.74
N GLU B 120 -13.12 16.44 5.63
CA GLU B 120 -13.62 16.04 6.94
C GLU B 120 -14.57 14.84 6.92
N ILE B 121 -14.73 14.24 5.74
CA ILE B 121 -15.55 13.05 5.59
C ILE B 121 -14.69 11.77 5.49
N LYS B 122 -14.95 10.76 6.32
CA LYS B 122 -14.11 9.55 6.25
C LYS B 122 -14.30 8.77 4.93
N VAL B 123 -13.20 8.56 4.20
CA VAL B 123 -13.27 7.79 2.96
C VAL B 123 -12.36 6.56 3.01
N PHE B 124 -11.67 6.37 4.14
CA PHE B 124 -10.74 5.27 4.25
C PHE B 124 -10.54 4.93 5.73
N GLU B 125 -10.48 3.64 6.03
CA GLU B 125 -10.07 3.25 7.39
C GLU B 125 -9.28 1.95 7.32
N GLY B 126 -8.27 1.82 8.18
CA GLY B 126 -7.49 0.59 8.16
C GLY B 126 -6.67 0.42 9.42
N ASP B 127 -6.44 -0.83 9.82
CA ASP B 127 -5.54 -1.13 10.91
C ASP B 127 -4.27 -1.76 10.31
N PHE B 128 -3.11 -1.25 10.71
CA PHE B 128 -1.83 -1.76 10.23
C PHE B 128 -1.06 -2.38 11.39
N GLU B 129 -0.46 -3.55 11.18
CA GLU B 129 0.45 -4.12 12.19
C GLU B 129 1.86 -3.89 11.73
N ILE B 130 2.69 -3.48 12.67
CA ILE B 130 4.07 -3.12 12.38
C ILE B 130 4.95 -3.90 13.34
N LEU B 131 6.02 -4.46 12.80
CA LEU B 131 6.97 -5.20 13.60
C LEU B 131 8.28 -4.44 13.63
N VAL B 132 9.00 -4.55 14.76
CA VAL B 132 10.31 -3.91 14.93
C VAL B 132 11.37 -5.00 15.09
N PHE B 133 12.42 -4.90 14.29
CA PHE B 133 13.49 -5.91 14.27
C PHE B 133 14.83 -5.44 14.81
N GLU B 134 15.66 -6.39 15.22
CA GLU B 134 16.95 -6.05 15.78
C GLU B 134 18.05 -5.94 14.71
N LYS B 135 17.93 -6.66 13.60
CA LYS B 135 19.00 -6.68 12.58
C LYS B 135 18.56 -6.03 11.28
N ARG B 136 19.54 -5.41 10.60
CA ARG B 136 19.39 -4.99 9.21
C ARG B 136 20.60 -5.52 8.46
N PRO B 137 20.43 -5.80 7.16
CA PRO B 137 19.16 -5.59 6.44
C PRO B 137 18.04 -6.53 6.94
N PHE B 138 16.80 -6.17 6.65
CA PHE B 138 15.65 -6.88 7.21
C PHE B 138 15.66 -8.34 6.93
N LYS B 139 16.18 -8.73 5.77
CA LYS B 139 16.11 -10.12 5.40
C LYS B 139 16.83 -11.03 6.43
N PHE B 140 17.78 -10.48 7.19
CA PHE B 140 18.54 -11.29 8.18
C PHE B 140 17.65 -11.83 9.31
N ASN B 141 16.48 -11.22 9.44
CA ASN B 141 15.55 -11.57 10.50
C ASN B 141 14.62 -12.71 10.10
N PHE B 142 14.72 -13.16 8.85
CA PHE B 142 13.81 -14.19 8.35
C PHE B 142 14.64 -15.37 7.85
#